data_7PQI
#
_entry.id   7PQI
#
_cell.length_a   42.869
_cell.length_b   42.869
_cell.length_c   256.192
_cell.angle_alpha   90.000
_cell.angle_beta   90.000
_cell.angle_gamma   90.000
#
_symmetry.space_group_name_H-M   'P 41 21 2'
#
loop_
_entity.id
_entity.type
_entity.pdbx_description
1 polymer 'DNA gyrase subunit B'
2 non-polymer NOVOBIOCIN
3 non-polymer 1,2-ETHANEDIOL
4 water water
#
_entity_poly.entity_id   1
_entity_poly.type   'polypeptide(L)'
_entity_poly.pdbx_seq_one_letter_code
;RGLDAVRKRPGMYIGDTDDGTGLHHMVFEVVDNAIDEALAGHCDEIIVTIHEDESVSVSDNGRGIPTDIHPEEGVSAAEV
ILTILHAGGKFDDNSYKVSGGLHGVGVSVVNALSSKLHLTIYRAGQIHEQEYHHGDPQYPLRVIGETDNTGTTVRFWPSA
ETFSQTIFNVEILARRLRELSFLNAGVRIVLRDERINLEHVYDYEG
;
_entity_poly.pdbx_strand_id   A
#
loop_
_chem_comp.id
_chem_comp.type
_chem_comp.name
_chem_comp.formula
EDO non-polymer 1,2-ETHANEDIOL 'C2 H6 O2'
NOV non-polymer NOVOBIOCIN 'C31 H36 N2 O11'
#
# COMPACT_ATOMS: atom_id res chain seq x y z
N ARG A 1 8.17 -4.75 17.72
CA ARG A 1 8.65 -3.45 18.30
C ARG A 1 9.05 -2.50 17.16
N GLY A 2 9.33 -3.03 15.97
CA GLY A 2 9.70 -2.27 14.76
C GLY A 2 8.72 -1.14 14.44
N LEU A 3 7.43 -1.28 14.73
CA LEU A 3 6.43 -0.26 14.36
C LEU A 3 6.06 0.61 15.55
N ASP A 4 6.70 0.38 16.71
CA ASP A 4 6.32 1.10 17.96
C ASP A 4 6.49 2.61 17.76
N ALA A 5 7.54 3.05 17.08
CA ALA A 5 7.81 4.50 16.93
C ALA A 5 6.66 5.16 16.16
N VAL A 6 6.03 4.43 15.24
CA VAL A 6 4.92 4.99 14.43
C VAL A 6 3.64 5.02 15.28
N ARG A 7 3.34 3.94 15.99
CA ARG A 7 2.16 3.85 16.90
C ARG A 7 2.23 4.99 17.93
N LYS A 8 3.44 5.35 18.37
CA LYS A 8 3.68 6.42 19.38
C LYS A 8 3.53 7.81 18.76
N ARG A 9 3.88 8.00 17.51
CA ARG A 9 3.89 9.36 16.90
C ARG A 9 3.27 9.29 15.50
N PRO A 10 2.00 8.85 15.35
CA PRO A 10 1.38 8.70 14.04
C PRO A 10 1.50 9.95 13.16
N GLY A 11 1.23 11.12 13.73
CA GLY A 11 1.26 12.44 13.07
C GLY A 11 2.61 12.78 12.47
N MET A 12 3.69 12.45 13.18
CA MET A 12 5.07 12.70 12.72
C MET A 12 5.28 11.94 11.40
N TYR A 13 4.66 10.79 11.21
CA TYR A 13 4.92 9.94 10.03
C TYR A 13 3.89 10.21 8.94
N ILE A 14 2.61 10.30 9.28
CA ILE A 14 1.53 10.30 8.25
C ILE A 14 0.96 11.70 8.01
N GLY A 15 1.12 12.63 8.94
CA GLY A 15 0.55 13.99 8.83
C GLY A 15 -0.67 14.09 9.73
N ASP A 16 -1.50 15.11 9.50
CA ASP A 16 -2.71 15.43 10.30
C ASP A 16 -3.67 14.24 10.20
N THR A 17 -4.09 13.70 11.34
CA THR A 17 -4.99 12.52 11.43
C THR A 17 -6.46 12.97 11.54
N ASP A 18 -6.74 14.28 11.44
CA ASP A 18 -8.12 14.84 11.56
C ASP A 18 -8.65 15.34 10.21
N ASP A 19 -7.91 16.21 9.52
CA ASP A 19 -8.43 17.01 8.39
C ASP A 19 -8.54 16.16 7.10
N GLY A 20 -8.22 14.87 7.15
CA GLY A 20 -8.32 13.96 5.99
C GLY A 20 -7.04 13.87 5.17
N THR A 21 -6.07 14.77 5.35
CA THR A 21 -4.80 14.75 4.56
C THR A 21 -3.99 13.51 4.96
N GLY A 22 -3.84 13.25 6.25
CA GLY A 22 -3.11 12.07 6.76
C GLY A 22 -3.76 10.80 6.25
N LEU A 23 -5.09 10.75 6.28
CA LEU A 23 -5.86 9.56 5.84
C LEU A 23 -5.53 9.23 4.38
N HIS A 24 -5.50 10.24 3.50
CA HIS A 24 -5.31 10.03 2.03
C HIS A 24 -3.82 9.74 1.76
N HIS A 25 -2.93 10.34 2.54
CA HIS A 25 -1.47 10.03 2.57
C HIS A 25 -1.22 8.53 2.74
N MET A 26 -2.03 7.83 3.54
CA MET A 26 -1.95 6.35 3.67
C MET A 26 -2.00 5.70 2.28
N VAL A 27 -2.93 6.14 1.42
CA VAL A 27 -3.11 5.52 0.08
C VAL A 27 -1.88 5.89 -0.74
N PHE A 28 -1.47 7.15 -0.70
CA PHE A 28 -0.36 7.65 -1.54
C PHE A 28 0.95 6.91 -1.22
N GLU A 29 1.16 6.54 0.03
CA GLU A 29 2.41 5.82 0.42
C GLU A 29 2.41 4.45 -0.25
N VAL A 30 1.29 3.75 -0.25
CA VAL A 30 1.20 2.40 -0.88
C VAL A 30 1.36 2.57 -2.40
N VAL A 31 0.71 3.57 -2.98
CA VAL A 31 0.82 3.85 -4.44
C VAL A 31 2.29 4.15 -4.76
N ASP A 32 2.98 4.96 -3.91
CA ASP A 32 4.42 5.33 -4.13
C ASP A 32 5.26 4.04 -4.20
N ASN A 33 4.95 3.03 -3.39
CA ASN A 33 5.70 1.75 -3.43
C ASN A 33 5.50 1.12 -4.82
N ALA A 34 4.29 1.16 -5.40
CA ALA A 34 4.00 0.58 -6.74
C ALA A 34 4.67 1.42 -7.83
N ILE A 35 4.67 2.74 -7.70
CA ILE A 35 5.37 3.67 -8.64
C ILE A 35 6.88 3.33 -8.68
N ASP A 36 7.49 3.05 -7.55
CA ASP A 36 8.95 2.71 -7.51
C ASP A 36 9.19 1.45 -8.35
N GLU A 37 8.28 0.49 -8.28
CA GLU A 37 8.37 -0.74 -9.07
C GLU A 37 8.24 -0.41 -10.56
N ALA A 38 7.42 0.60 -10.91
CA ALA A 38 7.32 1.11 -12.30
C ALA A 38 8.60 1.84 -12.68
N LEU A 39 9.17 2.69 -11.81
CA LEU A 39 10.44 3.42 -12.14
C LEU A 39 11.57 2.39 -12.35
N ALA A 40 11.57 1.29 -11.60
CA ALA A 40 12.54 0.17 -11.74
C ALA A 40 12.35 -0.56 -13.08
N GLY A 41 11.25 -0.28 -13.79
CA GLY A 41 10.96 -0.89 -15.09
C GLY A 41 10.21 -2.21 -14.97
N HIS A 42 9.50 -2.47 -13.88
CA HIS A 42 8.90 -3.81 -13.62
C HIS A 42 7.38 -3.76 -13.53
N CYS A 43 6.76 -2.60 -13.56
CA CYS A 43 5.29 -2.44 -13.34
C CYS A 43 4.78 -1.42 -14.35
N ASP A 44 3.65 -1.67 -15.00
CA ASP A 44 3.04 -0.70 -15.95
C ASP A 44 1.53 -0.62 -15.74
N GLU A 45 1.02 -1.20 -14.65
CA GLU A 45 -0.39 -1.04 -14.26
C GLU A 45 -0.53 -1.07 -12.73
N ILE A 46 -1.26 -0.09 -12.22
CA ILE A 46 -1.59 0.10 -10.78
C ILE A 46 -3.09 0.34 -10.69
N ILE A 47 -3.80 -0.47 -9.90
CA ILE A 47 -5.26 -0.34 -9.69
C ILE A 47 -5.48 -0.01 -8.21
N VAL A 48 -6.13 1.14 -7.96
CA VAL A 48 -6.58 1.59 -6.62
C VAL A 48 -8.08 1.36 -6.55
N THR A 49 -8.55 0.55 -5.59
CA THR A 49 -9.99 0.24 -5.40
C THR A 49 -10.40 0.72 -4.01
N ILE A 50 -11.40 1.58 -3.96
CA ILE A 50 -12.16 1.88 -2.70
C ILE A 50 -13.31 0.88 -2.65
N HIS A 51 -13.33 0.02 -1.65
CA HIS A 51 -14.28 -1.10 -1.46
C HIS A 51 -15.54 -0.62 -0.75
N GLU A 52 -16.62 -1.40 -0.86
CA GLU A 52 -17.90 -1.18 -0.15
C GLU A 52 -17.67 -1.02 1.34
N ASP A 53 -16.80 -1.84 1.91
CA ASP A 53 -16.53 -1.82 3.37
C ASP A 53 -15.65 -0.62 3.75
N GLU A 54 -15.31 0.25 2.80
CA GLU A 54 -14.54 1.51 3.03
C GLU A 54 -13.03 1.22 3.14
N SER A 55 -12.57 -0.01 2.95
CA SER A 55 -11.11 -0.34 2.85
C SER A 55 -10.61 0.09 1.47
N VAL A 56 -9.30 0.17 1.29
CA VAL A 56 -8.68 0.49 -0.03
C VAL A 56 -7.66 -0.60 -0.38
N SER A 57 -7.67 -1.03 -1.65
CA SER A 57 -6.73 -1.97 -2.30
C SER A 57 -5.85 -1.18 -3.26
N VAL A 58 -4.54 -1.45 -3.24
CA VAL A 58 -3.58 -1.04 -4.30
C VAL A 58 -2.92 -2.31 -4.83
N SER A 59 -3.11 -2.58 -6.13
CA SER A 59 -2.59 -3.77 -6.83
C SER A 59 -1.67 -3.32 -7.96
N ASP A 60 -0.49 -3.94 -8.05
CA ASP A 60 0.45 -3.66 -9.16
C ASP A 60 0.77 -4.99 -9.86
N ASN A 61 1.36 -4.88 -11.04
CA ASN A 61 1.83 -6.05 -11.84
C ASN A 61 3.35 -6.05 -11.82
N GLY A 62 3.97 -5.58 -10.73
CA GLY A 62 5.41 -5.59 -10.53
C GLY A 62 5.94 -6.99 -10.24
N ARG A 63 7.20 -7.07 -9.80
CA ARG A 63 7.87 -8.37 -9.48
C ARG A 63 7.15 -9.05 -8.31
N GLY A 64 6.45 -8.31 -7.47
CA GLY A 64 5.95 -8.89 -6.22
C GLY A 64 7.02 -8.81 -5.15
N ILE A 65 6.63 -8.35 -3.97
CA ILE A 65 7.58 -8.23 -2.82
C ILE A 65 8.20 -9.60 -2.60
N PRO A 66 9.54 -9.71 -2.54
CA PRO A 66 10.20 -11.00 -2.26
C PRO A 66 9.68 -11.70 -0.98
N THR A 67 9.54 -13.02 -1.07
CA THR A 67 8.85 -13.88 -0.07
C THR A 67 9.85 -14.78 0.68
N ASP A 68 11.13 -14.79 0.30
CA ASP A 68 12.12 -15.74 0.85
C ASP A 68 12.46 -15.33 2.29
N ILE A 69 12.67 -16.33 3.15
CA ILE A 69 13.05 -16.08 4.57
C ILE A 69 14.54 -15.72 4.56
N HIS A 70 14.90 -14.56 5.09
CA HIS A 70 16.32 -14.21 5.36
C HIS A 70 16.65 -14.75 6.74
N PRO A 71 17.49 -15.81 6.82
CA PRO A 71 17.75 -16.51 8.08
C PRO A 71 18.22 -15.53 9.17
N GLU A 72 19.13 -14.61 8.80
CA GLU A 72 19.42 -13.34 9.55
C GLU A 72 18.19 -12.99 10.38
N GLU A 73 17.04 -12.82 9.72
CA GLU A 73 15.82 -12.16 10.27
C GLU A 73 14.79 -13.19 10.78
N GLY A 74 14.76 -14.41 10.24
CA GLY A 74 13.83 -15.48 10.64
C GLY A 74 12.45 -15.40 9.98
N VAL A 75 12.14 -14.37 9.19
CA VAL A 75 10.80 -14.27 8.53
C VAL A 75 10.99 -13.91 7.06
N SER A 76 9.92 -14.07 6.28
CA SER A 76 9.84 -13.68 4.85
C SER A 76 10.36 -12.26 4.73
N ALA A 77 11.03 -11.93 3.63
CA ALA A 77 11.47 -10.54 3.37
C ALA A 77 10.26 -9.59 3.38
N ALA A 78 9.10 -10.04 2.89
CA ALA A 78 7.86 -9.23 2.84
C ALA A 78 7.50 -8.79 4.25
N GLU A 79 7.52 -9.71 5.22
CA GLU A 79 7.16 -9.35 6.62
C GLU A 79 8.13 -8.27 7.11
N VAL A 80 9.41 -8.38 6.77
CA VAL A 80 10.39 -7.34 7.18
C VAL A 80 9.92 -5.99 6.63
N ILE A 81 9.56 -5.93 5.36
CA ILE A 81 9.17 -4.66 4.68
C ILE A 81 7.95 -4.07 5.39
N LEU A 82 7.01 -4.92 5.78
CA LEU A 82 5.73 -4.55 6.41
C LEU A 82 5.88 -4.17 7.88
N THR A 83 6.93 -4.59 8.60
CA THR A 83 6.99 -4.46 10.08
C THR A 83 8.25 -3.70 10.52
N ILE A 84 9.13 -3.30 9.60
CA ILE A 84 10.35 -2.53 9.94
C ILE A 84 10.44 -1.30 9.02
N LEU A 85 10.65 -0.12 9.60
CA LEU A 85 10.89 1.13 8.83
C LEU A 85 12.18 0.99 8.02
N HIS A 86 12.19 1.41 6.77
CA HIS A 86 13.41 1.45 5.93
C HIS A 86 14.38 2.51 6.46
N ALA A 87 15.59 2.59 5.89
CA ALA A 87 16.70 3.43 6.36
C ALA A 87 16.98 4.61 5.43
N GLY A 88 16.23 4.79 4.33
CA GLY A 88 16.48 5.87 3.32
C GLY A 88 15.88 7.22 3.73
N GLY A 89 16.09 8.28 2.92
CA GLY A 89 15.57 9.65 3.13
C GLY A 89 14.07 9.67 2.95
N LYS A 90 13.35 10.55 3.68
CA LYS A 90 11.86 10.52 3.81
C LYS A 90 11.30 11.94 3.89
N SER A 99 -0.55 17.17 2.48
CA SER A 99 -0.34 16.32 3.69
C SER A 99 1.05 16.60 4.31
N GLY A 100 1.11 16.71 5.64
CA GLY A 100 2.34 16.76 6.43
C GLY A 100 2.94 15.36 6.59
N GLY A 101 3.71 15.17 7.66
CA GLY A 101 4.41 13.89 7.94
C GLY A 101 5.57 13.68 6.97
N LEU A 102 5.94 12.43 6.71
CA LEU A 102 7.12 12.13 5.85
C LEU A 102 6.64 11.56 4.53
N HIS A 103 7.34 11.86 3.45
CA HIS A 103 6.93 11.45 2.09
C HIS A 103 7.95 10.43 1.59
N GLY A 104 7.50 9.20 1.37
CA GLY A 104 8.34 8.06 0.97
C GLY A 104 8.64 7.11 2.11
N VAL A 105 7.79 7.02 3.14
CA VAL A 105 7.98 6.06 4.27
C VAL A 105 7.56 4.67 3.82
N GLY A 106 6.54 4.58 2.97
CA GLY A 106 6.04 3.30 2.43
C GLY A 106 5.18 2.55 3.43
N VAL A 107 4.95 1.29 3.13
CA VAL A 107 3.80 0.52 3.63
C VAL A 107 3.96 0.20 5.12
N SER A 108 5.17 0.09 5.66
CA SER A 108 5.40 -0.19 7.11
C SER A 108 4.55 0.77 7.96
N VAL A 109 4.58 2.08 7.66
CA VAL A 109 3.80 3.11 8.40
C VAL A 109 2.29 2.85 8.21
N VAL A 110 1.89 2.50 7.00
CA VAL A 110 0.47 2.28 6.67
C VAL A 110 -0.02 1.06 7.46
N ASN A 111 0.80 0.01 7.52
CA ASN A 111 0.51 -1.22 8.31
C ASN A 111 0.28 -0.85 9.78
N ALA A 112 1.20 -0.08 10.35
CA ALA A 112 1.20 0.33 11.78
C ALA A 112 -0.11 0.98 12.13
N LEU A 113 -0.61 1.84 11.24
CA LEU A 113 -1.80 2.70 11.48
C LEU A 113 -3.05 2.08 10.86
N SER A 114 -3.01 0.82 10.45
CA SER A 114 -4.22 0.14 9.96
C SER A 114 -4.70 -0.85 11.01
N SER A 115 -5.99 -0.85 11.32
CA SER A 115 -6.60 -1.85 12.23
C SER A 115 -6.40 -3.22 11.57
N LYS A 116 -6.40 -3.25 10.24
CA LYS A 116 -6.22 -4.51 9.50
C LYS A 116 -5.53 -4.21 8.17
N LEU A 117 -4.64 -5.11 7.76
CA LEU A 117 -3.97 -5.04 6.45
C LEU A 117 -3.76 -6.44 5.90
N HIS A 118 -4.12 -6.63 4.64
CA HIS A 118 -4.06 -7.93 3.93
C HIS A 118 -3.13 -7.77 2.74
N LEU A 119 -2.11 -8.61 2.70
CA LEU A 119 -1.03 -8.56 1.70
C LEU A 119 -1.14 -9.81 0.84
N THR A 120 -1.19 -9.62 -0.47
CA THR A 120 -1.17 -10.72 -1.46
C THR A 120 0.00 -10.47 -2.41
N ILE A 121 0.85 -11.47 -2.60
CA ILE A 121 2.01 -11.36 -3.50
C ILE A 121 1.90 -12.47 -4.54
N TYR A 122 2.08 -12.12 -5.81
CA TYR A 122 2.09 -13.06 -6.95
C TYR A 122 3.54 -13.09 -7.40
N ARG A 123 4.21 -14.21 -7.17
CA ARG A 123 5.68 -14.31 -7.39
C ARG A 123 6.06 -15.78 -7.47
N ALA A 124 6.95 -16.10 -8.43
CA ALA A 124 7.64 -17.40 -8.55
C ALA A 124 6.60 -18.52 -8.73
N GLY A 125 5.52 -18.23 -9.44
CA GLY A 125 4.46 -19.21 -9.77
C GLY A 125 3.49 -19.44 -8.61
N GLN A 126 3.60 -18.65 -7.55
CA GLN A 126 2.81 -18.91 -6.32
C GLN A 126 2.13 -17.63 -5.83
N ILE A 127 0.99 -17.82 -5.17
CA ILE A 127 0.20 -16.76 -4.51
C ILE A 127 0.49 -16.88 -3.02
N HIS A 128 0.98 -15.78 -2.44
CA HIS A 128 1.35 -15.71 -1.01
C HIS A 128 0.47 -14.67 -0.33
N GLU A 129 0.05 -14.91 0.90
CA GLU A 129 -0.66 -13.88 1.70
C GLU A 129 -0.16 -13.82 3.15
N GLN A 130 -0.44 -12.68 3.75
CA GLN A 130 -0.22 -12.40 5.18
C GLN A 130 -1.24 -11.36 5.60
N GLU A 131 -1.76 -11.50 6.82
CA GLU A 131 -2.68 -10.55 7.45
C GLU A 131 -1.98 -9.95 8.66
N TYR A 132 -2.19 -8.66 8.86
CA TYR A 132 -1.75 -7.88 10.04
C TYR A 132 -2.98 -7.26 10.71
N HIS A 133 -2.94 -7.14 12.03
CA HIS A 133 -3.85 -6.30 12.82
C HIS A 133 -2.98 -5.26 13.55
N HIS A 134 -3.19 -3.98 13.27
CA HIS A 134 -2.44 -2.87 13.90
C HIS A 134 -0.94 -3.18 13.73
N GLY A 135 -0.55 -3.74 12.59
CA GLY A 135 0.86 -3.92 12.23
C GLY A 135 1.46 -5.24 12.69
N ASP A 136 0.75 -5.99 13.53
CA ASP A 136 1.18 -7.30 14.07
C ASP A 136 0.79 -8.41 13.09
N PRO A 137 1.77 -9.19 12.56
CA PRO A 137 1.45 -10.33 11.71
C PRO A 137 0.63 -11.37 12.48
N GLN A 138 -0.42 -11.90 11.85
CA GLN A 138 -1.37 -12.84 12.47
C GLN A 138 -0.88 -14.26 12.22
N TYR A 139 -0.05 -14.43 11.20
CA TYR A 139 0.53 -15.75 10.84
C TYR A 139 1.67 -15.49 9.86
N PRO A 140 2.61 -16.44 9.69
CA PRO A 140 3.67 -16.29 8.72
C PRO A 140 3.10 -16.24 7.30
N LEU A 141 3.72 -15.43 6.43
CA LEU A 141 3.44 -15.40 4.99
C LEU A 141 3.32 -16.83 4.45
N ARG A 142 2.25 -17.16 3.74
CA ARG A 142 1.96 -18.57 3.36
C ARG A 142 1.47 -18.65 1.91
N VAL A 143 1.77 -19.77 1.26
CA VAL A 143 1.36 -20.05 -0.15
C VAL A 143 -0.07 -20.55 -0.11
N ILE A 144 -0.93 -20.05 -1.01
CA ILE A 144 -2.38 -20.41 -1.06
C ILE A 144 -2.82 -20.76 -2.49
N GLY A 145 -1.94 -20.65 -3.50
CA GLY A 145 -2.27 -21.10 -4.86
C GLY A 145 -1.10 -20.92 -5.81
N GLU A 146 -1.34 -21.24 -7.09
CA GLU A 146 -0.41 -20.96 -8.20
C GLU A 146 -0.95 -19.79 -9.03
N THR A 147 -0.07 -19.19 -9.82
CA THR A 147 -0.37 -18.05 -10.70
C THR A 147 0.73 -17.98 -11.76
N ASP A 148 0.35 -17.56 -12.96
CA ASP A 148 1.26 -17.17 -14.06
C ASP A 148 1.60 -15.68 -13.91
N ASN A 149 0.95 -14.94 -13.00
CA ASN A 149 1.15 -13.48 -12.88
C ASN A 149 2.19 -13.12 -11.81
N THR A 150 2.56 -11.84 -11.78
CA THR A 150 3.45 -11.26 -10.75
C THR A 150 2.87 -9.94 -10.26
N GLY A 151 3.09 -9.62 -9.00
CA GLY A 151 2.74 -8.29 -8.48
C GLY A 151 2.31 -8.36 -7.03
N THR A 152 1.90 -7.22 -6.52
CA THR A 152 1.60 -7.06 -5.08
C THR A 152 0.22 -6.40 -4.95
N THR A 153 -0.61 -6.92 -4.05
CA THR A 153 -1.85 -6.26 -3.60
C THR A 153 -1.74 -5.99 -2.11
N VAL A 154 -1.92 -4.74 -1.73
CA VAL A 154 -2.08 -4.29 -0.32
C VAL A 154 -3.51 -3.81 -0.16
N ARG A 155 -4.26 -4.40 0.76
CA ARG A 155 -5.60 -3.90 1.12
C ARG A 155 -5.55 -3.54 2.60
N PHE A 156 -5.99 -2.34 2.95
CA PHE A 156 -5.90 -1.90 4.37
C PHE A 156 -7.16 -1.15 4.77
N TRP A 157 -7.43 -1.28 6.06
CA TRP A 157 -8.53 -0.67 6.83
C TRP A 157 -7.86 0.30 7.78
N PRO A 158 -7.82 1.62 7.48
CA PRO A 158 -7.14 2.56 8.36
C PRO A 158 -7.75 2.49 9.77
N SER A 159 -6.92 2.61 10.80
CA SER A 159 -7.34 2.49 12.22
C SER A 159 -8.30 3.62 12.63
N ALA A 160 -9.50 3.26 13.09
CA ALA A 160 -10.47 4.22 13.66
C ALA A 160 -9.95 4.77 14.98
N GLU A 161 -8.96 4.12 15.58
CA GLU A 161 -8.31 4.65 16.81
C GLU A 161 -7.40 5.83 16.41
N THR A 162 -6.78 5.82 15.24
CA THR A 162 -5.78 6.85 14.86
C THR A 162 -6.45 8.02 14.13
N PHE A 163 -7.27 7.76 13.13
CA PHE A 163 -7.91 8.79 12.26
C PHE A 163 -9.33 9.05 12.75
N SER A 164 -9.67 10.31 13.01
CA SER A 164 -11.03 10.71 13.45
C SER A 164 -12.03 10.48 12.32
N GLN A 165 -11.60 10.54 11.06
CA GLN A 165 -12.46 10.18 9.90
C GLN A 165 -11.72 9.14 9.05
N THR A 166 -12.42 8.10 8.62
CA THR A 166 -11.82 6.96 7.91
C THR A 166 -12.42 6.78 6.50
N ILE A 167 -13.32 7.65 6.06
CA ILE A 167 -14.00 7.52 4.74
C ILE A 167 -13.12 8.16 3.67
N PHE A 168 -12.67 7.39 2.69
CA PHE A 168 -11.87 7.95 1.56
C PHE A 168 -12.79 8.75 0.63
N ASN A 169 -12.25 9.87 0.14
CA ASN A 169 -12.84 10.83 -0.81
C ASN A 169 -12.31 10.48 -2.20
N VAL A 170 -13.17 9.98 -3.07
CA VAL A 170 -12.74 9.56 -4.43
C VAL A 170 -12.14 10.72 -5.24
N GLU A 171 -12.50 11.98 -4.97
CA GLU A 171 -12.04 13.15 -5.76
C GLU A 171 -10.60 13.47 -5.36
N ILE A 172 -10.28 13.38 -4.07
CA ILE A 172 -8.89 13.64 -3.60
C ILE A 172 -8.00 12.57 -4.22
N LEU A 173 -8.42 11.31 -4.20
CA LEU A 173 -7.57 10.23 -4.74
C LEU A 173 -7.43 10.43 -6.24
N ALA A 174 -8.53 10.74 -6.94
CA ALA A 174 -8.55 10.84 -8.42
C ALA A 174 -7.58 11.94 -8.87
N ARG A 175 -7.63 13.09 -8.20
CA ARG A 175 -6.84 14.28 -8.54
C ARG A 175 -5.34 13.98 -8.42
N ARG A 176 -4.92 13.31 -7.34
CA ARG A 176 -3.50 12.96 -7.15
C ARG A 176 -3.12 11.85 -8.15
N LEU A 177 -4.00 10.88 -8.38
CA LEU A 177 -3.70 9.79 -9.33
C LEU A 177 -3.50 10.36 -10.73
N ARG A 178 -4.21 11.42 -11.12
CA ARG A 178 -4.04 12.06 -12.45
C ARG A 178 -2.65 12.72 -12.52
N GLU A 179 -2.25 13.43 -11.47
CA GLU A 179 -0.88 14.02 -11.39
C GLU A 179 0.15 12.91 -11.58
N LEU A 180 0.00 11.80 -10.86
CA LEU A 180 0.99 10.69 -10.88
C LEU A 180 1.03 10.07 -12.28
N SER A 181 -0.13 9.92 -12.92
CA SER A 181 -0.20 9.40 -14.30
C SER A 181 0.65 10.30 -15.20
N PHE A 182 0.49 11.62 -15.10
CA PHE A 182 1.22 12.61 -15.95
C PHE A 182 2.72 12.56 -15.63
N LEU A 183 3.09 12.35 -14.36
CA LEU A 183 4.50 12.34 -13.90
C LEU A 183 5.14 10.98 -14.23
N ASN A 184 4.36 9.97 -14.64
CA ASN A 184 4.88 8.59 -14.82
C ASN A 184 4.37 8.03 -16.13
N ALA A 185 4.98 8.42 -17.24
CA ALA A 185 4.65 7.93 -18.58
C ALA A 185 4.74 6.40 -18.57
N GLY A 186 3.79 5.72 -19.21
CA GLY A 186 3.84 4.28 -19.47
C GLY A 186 3.20 3.48 -18.36
N VAL A 187 2.72 4.15 -17.32
CA VAL A 187 1.98 3.47 -16.22
C VAL A 187 0.48 3.73 -16.39
N ARG A 188 -0.27 2.66 -16.62
CA ARG A 188 -1.75 2.67 -16.66
C ARG A 188 -2.25 2.68 -15.21
N ILE A 189 -2.85 3.79 -14.78
CA ILE A 189 -3.40 3.95 -13.41
C ILE A 189 -4.90 3.85 -13.45
N VAL A 190 -5.47 2.91 -12.70
CA VAL A 190 -6.94 2.64 -12.65
C VAL A 190 -7.40 3.02 -11.25
N LEU A 191 -8.49 3.77 -11.16
CA LEU A 191 -9.20 4.05 -9.88
C LEU A 191 -10.63 3.53 -9.98
N ARG A 192 -10.99 2.66 -9.03
CA ARG A 192 -12.31 2.02 -8.89
C ARG A 192 -12.91 2.42 -7.55
N ASP A 193 -14.13 2.90 -7.56
CA ASP A 193 -14.91 3.16 -6.34
C ASP A 193 -16.18 2.31 -6.45
N GLU A 194 -16.17 1.19 -5.73
CA GLU A 194 -17.27 0.20 -5.67
C GLU A 194 -18.47 0.80 -4.93
N ARG A 195 -18.29 1.85 -4.14
CA ARG A 195 -19.41 2.48 -3.39
C ARG A 195 -20.36 3.12 -4.41
N ILE A 196 -19.84 3.64 -5.51
CA ILE A 196 -20.65 4.40 -6.53
C ILE A 196 -20.50 3.76 -7.90
N ASN A 197 -19.82 2.62 -8.04
CA ASN A 197 -19.58 1.93 -9.34
C ASN A 197 -18.97 2.92 -10.34
N LEU A 198 -17.85 3.52 -9.94
CA LEU A 198 -17.00 4.40 -10.77
C LEU A 198 -15.70 3.68 -11.13
N GLU A 199 -15.29 3.77 -12.39
CA GLU A 199 -13.92 3.43 -12.80
C GLU A 199 -13.38 4.57 -13.67
N HIS A 200 -12.19 5.07 -13.31
CA HIS A 200 -11.35 5.98 -14.13
C HIS A 200 -10.08 5.26 -14.56
N VAL A 201 -9.64 5.50 -15.78
CA VAL A 201 -8.35 4.97 -16.28
C VAL A 201 -7.55 6.17 -16.74
N TYR A 202 -6.34 6.34 -16.19
CA TYR A 202 -5.39 7.38 -16.63
C TYR A 202 -4.18 6.67 -17.23
N ASP A 203 -3.96 6.89 -18.51
CA ASP A 203 -2.85 6.23 -19.25
C ASP A 203 -2.13 7.27 -20.10
N TYR A 204 -1.04 7.81 -19.56
CA TYR A 204 -0.15 8.74 -20.28
C TYR A 204 1.06 7.91 -20.76
N GLU A 205 1.11 7.60 -22.06
CA GLU A 205 2.21 6.83 -22.69
C GLU A 205 3.30 7.82 -23.15
N GLY A 206 2.94 9.06 -23.49
CA GLY A 206 3.91 10.12 -23.82
C GLY A 206 4.40 9.98 -25.25
C1 NOV B . 6.47 -2.34 -0.42
O1 NOV B . 7.46 -3.07 -1.15
N1 NOV B . 4.53 -2.54 -4.74
C12 NOV B . 5.82 -2.93 -4.68
O4 NOV B . 6.29 -3.78 -5.41
O5 NOV B . 6.50 -2.22 -3.73
C27 NOV B . 8.25 -2.29 -2.03
C28 NOV B . 7.87 -2.61 -3.48
C29 NOV B . 8.74 -1.84 -4.44
O6 NOV B . 8.63 -0.44 -4.28
C30 NOV B . 10.18 -2.25 -4.19
O7 NOV B . 10.55 -1.98 -2.84
C31 NOV B . 9.73 -2.56 -1.78
C23 NOV B . 10.01 -4.05 -1.70
C26 NOV B . 10.23 -1.88 -0.51
O8 NOV B . 10.19 -3.63 -4.47
C3 NOV B . 11.39 -4.26 -4.73
C4 NOV B . 11.27 -5.55 -5.27
C2 NOV B . 9.94 -6.12 -5.60
C5 NOV B . 12.46 -6.23 -5.52
C9 NOV B . 13.72 -5.69 -5.24
C10 NOV B . 13.78 -4.41 -4.67
C11 NOV B . 12.64 -3.71 -4.43
O10 NOV B . 12.33 -7.48 -6.07
C6 NOV B . 13.42 -8.24 -6.41
O11 NOV B . 13.17 -9.33 -6.89
C7 NOV B . 14.69 -7.75 -6.15
C8 NOV B . 14.87 -6.49 -5.56
O9 NOV B . 16.09 -6.00 -5.32
N2 NOV B . 15.84 -8.51 -6.47
C13 NOV B . 16.20 -9.74 -6.04
O2 NOV B . 16.89 -10.49 -6.73
C14 NOV B . 15.78 -10.15 -4.67
C15 NOV B . 15.88 -9.27 -3.59
C16 NOV B . 15.52 -9.66 -2.31
C17 NOV B . 15.08 -10.97 -2.12
O3 NOV B . 14.70 -11.38 -0.87
C18 NOV B . 14.99 -11.85 -3.18
C19 NOV B . 15.35 -11.45 -4.44
C20 NOV B . 15.61 -8.68 -1.15
C21 NOV B . 14.28 -8.28 -0.60
C22 NOV B . 13.78 -7.06 -0.44
C24 NOV B . 14.47 -5.82 -0.93
C25 NOV B . 12.51 -6.79 0.28
C1 EDO C . -3.05 -5.08 -10.83
O1 EDO C . -3.57 -6.35 -11.12
C2 EDO C . -2.15 -4.58 -11.88
O2 EDO C . -2.46 -5.08 -13.16
C1 EDO D . -12.96 13.47 -9.67
O1 EDO D . -12.38 12.85 -10.78
C2 EDO D . -12.33 14.77 -9.35
O2 EDO D . -11.17 14.67 -8.53
C1 EDO E . 2.79 12.51 16.70
O1 EDO E . 1.43 12.49 16.33
C2 EDO E . 3.22 13.79 17.32
O2 EDO E . 3.17 13.74 18.74
C1 EDO F . -2.15 -9.31 -9.66
O1 EDO F . -1.16 -9.51 -10.68
C2 EDO F . -2.13 -7.94 -9.07
O2 EDO F . -1.35 -7.77 -7.87
C1 EDO G . 11.37 -15.34 -3.29
O1 EDO G . 10.16 -14.68 -3.61
C2 EDO G . 12.57 -14.57 -3.70
O2 EDO G . 12.88 -14.70 -5.07
#